data_8C8C
#
_entry.id   8C8C
#
_cell.length_a   70.661
_cell.length_b   84.935
_cell.length_c   128.346
_cell.angle_alpha   90.000
_cell.angle_beta   90.000
_cell.angle_gamma   90.000
#
_symmetry.space_group_name_H-M   'C 2 2 21'
#
loop_
_entity.id
_entity.type
_entity.pdbx_description
1 polymer 'Phosphatidylinositol 5-phosphate 4-kinase type-2 alpha'
2 non-polymer ~{N}-(3-chloranyl-4-methoxy-phenyl)-7-(3,4-dimethylphenyl)pyrrolo[2,3-d]pyrimidin-4-amine
3 water water
#
_entity_poly.entity_id   1
_entity_poly.type   'polypeptide(L)'
_entity_poly.pdbx_seq_one_letter_code
;GASDPLLSVLMWGVNHSINELSHVQIPVMLMPDDFKAYSKIKVDNHLFNKENMPSHFKFKEYCPMVFRNLRERFGIDDQD
FQNSLTRSAPLPNDSQARSGARFHTSYDKRYIIKTITSEDVAEMHNILKKYHQYIVECHGITLLPQFLGMYRLNVDGVEI
YVIVTRNVFSHRLSVYRKYDLKGSTVAREASDKEKAKELPTLKDNDFINEGQKIYIDDNNKKVFLEKLKKDVEFLAQLKL
MDYSLLVGIHDVERAEQEEVECEENDGEEEGESDGTHPVGTPPDSPGNTLNSSPPLAPGEFDPNIDVYGIKCHENSPRKE
VYFMAIIDILTHYDAKKKAAHAAKTVKHGAGAEISTVNPEQYSKRFLDFIGHILT
;
_entity_poly.pdbx_strand_id   A
#
# COMPACT_ATOMS: atom_id res chain seq x y z
N ASP A 4 22.52 -3.02 5.57
CA ASP A 4 21.48 -3.45 6.56
C ASP A 4 21.04 -4.88 6.26
N PRO A 5 21.26 -5.86 7.19
CA PRO A 5 21.04 -7.27 6.89
C PRO A 5 19.58 -7.67 6.67
N LEU A 6 18.65 -6.86 7.16
CA LEU A 6 17.24 -7.17 6.98
C LEU A 6 16.76 -6.78 5.58
N LEU A 7 17.33 -5.74 4.95
CA LEU A 7 17.02 -5.37 3.57
C LEU A 7 17.66 -6.33 2.58
N SER A 8 18.82 -6.85 2.96
CA SER A 8 19.56 -7.78 2.14
C SER A 8 18.74 -9.06 1.96
N VAL A 9 18.26 -9.57 3.08
CA VAL A 9 17.44 -10.78 3.14
C VAL A 9 16.13 -10.55 2.39
N LEU A 10 15.53 -9.37 2.56
CA LEU A 10 14.32 -9.03 1.83
C LEU A 10 14.60 -9.00 0.33
N MET A 11 15.64 -8.29 -0.10
CA MET A 11 15.96 -8.23 -1.51
C MET A 11 16.21 -9.64 -2.05
N TRP A 12 16.92 -10.45 -1.26
CA TRP A 12 17.28 -11.81 -1.64
C TRP A 12 16.06 -12.71 -1.67
N GLY A 13 15.16 -12.56 -0.68
CA GLY A 13 13.96 -13.38 -0.58
C GLY A 13 12.95 -13.10 -1.69
N VAL A 14 12.78 -11.80 -2.03
CA VAL A 14 11.93 -11.38 -3.12
C VAL A 14 12.47 -11.91 -4.43
N ASN A 15 13.77 -11.77 -4.62
CA ASN A 15 14.36 -12.24 -5.84
C ASN A 15 14.10 -13.74 -6.05
N HIS A 16 14.35 -14.50 -4.98
CA HIS A 16 14.07 -15.93 -4.98
C HIS A 16 12.58 -16.21 -5.16
N SER A 17 11.74 -15.45 -4.46
CA SER A 17 10.30 -15.61 -4.50
C SER A 17 9.80 -15.56 -5.94
N ILE A 18 10.16 -14.50 -6.68
CA ILE A 18 9.67 -14.29 -8.03
C ILE A 18 10.27 -15.31 -9.00
N ASN A 19 11.54 -15.64 -8.83
CA ASN A 19 12.16 -16.59 -9.76
C ASN A 19 11.53 -17.97 -9.60
N GLU A 20 11.31 -18.41 -8.36
CA GLU A 20 10.61 -19.67 -8.16
C GLU A 20 9.24 -19.61 -8.81
N LEU A 21 8.54 -18.51 -8.59
CA LEU A 21 7.22 -18.35 -9.17
C LEU A 21 7.28 -18.41 -10.70
N SER A 22 8.36 -17.95 -11.30
CA SER A 22 8.43 -17.96 -12.75
C SER A 22 8.30 -19.39 -13.29
N HIS A 23 8.52 -20.41 -12.45
CA HIS A 23 8.42 -21.80 -12.89
C HIS A 23 7.02 -22.37 -12.61
N VAL A 24 6.20 -21.63 -11.85
CA VAL A 24 4.87 -22.08 -11.45
C VAL A 24 3.82 -21.56 -12.43
N GLN A 25 2.92 -22.46 -12.88
CA GLN A 25 1.93 -22.14 -13.90
C GLN A 25 0.90 -21.17 -13.31
N ILE A 26 0.49 -20.17 -14.11
CA ILE A 26 -0.62 -19.30 -13.80
C ILE A 26 -1.87 -20.17 -13.72
N PRO A 27 -2.58 -20.25 -12.57
CA PRO A 27 -3.73 -21.14 -12.43
C PRO A 27 -4.98 -20.53 -13.05
N VAL A 28 -5.97 -21.38 -13.37
CA VAL A 28 -7.26 -20.94 -13.89
C VAL A 28 -8.06 -20.33 -12.75
N MET A 29 -7.66 -20.56 -11.51
CA MET A 29 -8.33 -19.95 -10.36
C MET A 29 -7.54 -20.25 -9.11
N LEU A 30 -7.78 -19.50 -8.04
CA LEU A 30 -7.14 -19.77 -6.75
C LEU A 30 -7.96 -20.84 -6.06
N MET A 31 -7.32 -21.68 -5.24
CA MET A 31 -8.05 -22.72 -4.55
C MET A 31 -8.15 -22.33 -3.09
N PRO A 32 -9.02 -22.92 -2.28
CA PRO A 32 -9.00 -22.62 -0.84
C PRO A 32 -7.63 -22.73 -0.18
N ASP A 33 -6.83 -23.72 -0.59
CA ASP A 33 -5.53 -23.97 0.01
C ASP A 33 -4.53 -22.89 -0.35
N ASP A 34 -4.74 -22.16 -1.45
CA ASP A 34 -3.85 -21.08 -1.79
C ASP A 34 -3.78 -20.01 -0.69
N PHE A 35 -4.86 -19.87 0.07
CA PHE A 35 -4.97 -18.83 1.09
C PHE A 35 -4.46 -19.35 2.43
N LYS A 36 -3.89 -20.56 2.46
CA LYS A 36 -3.26 -21.07 3.67
C LYS A 36 -1.82 -21.53 3.42
N ALA A 37 -1.25 -21.14 2.28
CA ALA A 37 0.03 -21.68 1.82
C ALA A 37 1.16 -20.71 2.18
N TYR A 38 2.37 -21.23 2.08
CA TYR A 38 3.60 -20.47 2.30
C TYR A 38 4.75 -21.26 1.67
N SER A 39 5.86 -20.53 1.41
CA SER A 39 7.20 -21.07 1.12
C SER A 39 8.13 -20.52 2.17
N LYS A 40 8.94 -21.36 2.79
CA LYS A 40 10.01 -20.95 3.67
C LYS A 40 11.33 -21.43 3.06
N ILE A 41 12.37 -20.66 3.34
CA ILE A 41 13.70 -21.03 2.96
C ILE A 41 14.61 -20.61 4.12
N LYS A 42 15.56 -21.49 4.46
CA LYS A 42 16.57 -21.25 5.48
C LYS A 42 17.96 -21.47 4.88
N VAL A 43 18.83 -20.47 5.01
CA VAL A 43 20.18 -20.52 4.48
C VAL A 43 21.19 -20.53 5.63
N ASP A 44 22.16 -21.45 5.54
CA ASP A 44 23.29 -21.48 6.45
C ASP A 44 24.56 -21.57 5.63
N ASN A 45 25.39 -20.54 5.74
CA ASN A 45 26.68 -20.51 5.13
C ASN A 45 27.75 -20.46 6.21
N HIS A 46 28.52 -21.54 6.31
CA HIS A 46 29.64 -21.63 7.18
C HIS A 46 30.87 -21.29 6.35
N LEU A 47 31.62 -20.28 6.80
CA LEU A 47 32.89 -19.85 6.22
C LEU A 47 32.72 -19.63 4.71
N PHE A 48 31.60 -19.07 4.30
CA PHE A 48 31.33 -18.90 2.89
C PHE A 48 30.42 -17.70 2.68
N ASN A 49 30.78 -16.86 1.72
CA ASN A 49 29.91 -15.83 1.18
C ASN A 49 29.70 -14.74 2.22
N LYS A 50 30.72 -14.53 3.06
CA LYS A 50 30.61 -13.66 4.22
C LYS A 50 30.27 -12.25 3.72
N GLU A 51 30.60 -11.94 2.45
CA GLU A 51 30.57 -10.59 1.91
C GLU A 51 29.23 -10.23 1.27
N ASN A 52 28.54 -11.14 0.60
CA ASN A 52 27.31 -10.72 -0.07
C ASN A 52 26.31 -10.26 0.98
N MET A 53 26.01 -11.12 1.98
CA MET A 53 25.06 -10.79 3.03
C MET A 53 25.12 -11.80 4.17
N PRO A 54 24.20 -11.80 5.17
CA PRO A 54 24.40 -12.57 6.39
C PRO A 54 24.52 -14.06 6.11
N SER A 55 25.25 -14.71 6.99
CA SER A 55 25.58 -16.11 6.86
C SER A 55 24.39 -17.02 7.17
N HIS A 56 23.46 -16.54 8.00
CA HIS A 56 22.40 -17.38 8.54
C HIS A 56 21.15 -16.55 8.57
N PHE A 57 20.11 -16.98 7.85
CA PHE A 57 18.89 -16.23 7.75
C PHE A 57 17.75 -17.18 7.35
N LYS A 58 16.51 -16.72 7.57
CA LYS A 58 15.29 -17.37 7.08
C LYS A 58 14.44 -16.34 6.36
N PHE A 59 13.65 -16.82 5.39
CA PHE A 59 12.70 -16.01 4.64
C PHE A 59 11.46 -16.82 4.30
N LYS A 60 10.30 -16.28 4.67
CA LYS A 60 9.01 -16.93 4.48
C LYS A 60 8.09 -15.96 3.75
N GLU A 61 7.50 -16.50 2.69
CA GLU A 61 6.48 -15.83 1.92
C GLU A 61 5.12 -16.49 2.17
N TYR A 62 4.13 -15.66 2.51
CA TYR A 62 2.76 -16.10 2.70
C TYR A 62 1.94 -16.02 1.41
N CYS A 63 1.20 -17.11 1.17
CA CYS A 63 0.19 -17.18 0.13
C CYS A 63 0.76 -16.66 -1.21
N PRO A 64 1.90 -17.20 -1.68
CA PRO A 64 2.55 -16.70 -2.89
C PRO A 64 1.68 -16.67 -4.15
N MET A 65 0.78 -17.65 -4.30
CA MET A 65 -0.08 -17.69 -5.47
C MET A 65 -1.09 -16.55 -5.43
N VAL A 66 -1.53 -16.18 -4.21
CA VAL A 66 -2.56 -15.18 -4.02
C VAL A 66 -1.98 -13.80 -4.35
N PHE A 67 -0.89 -13.43 -3.69
CA PHE A 67 -0.29 -12.14 -3.96
C PHE A 67 0.20 -12.06 -5.40
N ARG A 68 0.60 -13.19 -6.04
CA ARG A 68 0.93 -13.08 -7.45
C ARG A 68 -0.32 -12.71 -8.23
N ASN A 69 -1.44 -13.28 -7.82
CA ASN A 69 -2.66 -12.99 -8.52
C ASN A 69 -2.99 -11.50 -8.35
N LEU A 70 -2.90 -10.98 -7.11
CA LEU A 70 -3.22 -9.58 -6.80
C LEU A 70 -2.29 -8.64 -7.58
N ARG A 71 -1.02 -9.02 -7.75
CA ARG A 71 -0.12 -8.17 -8.49
C ARG A 71 -0.65 -8.05 -9.90
N GLU A 72 -1.09 -9.17 -10.45
CA GLU A 72 -1.63 -9.15 -11.80
C GLU A 72 -2.88 -8.27 -11.83
N ARG A 73 -3.79 -8.46 -10.87
CA ARG A 73 -5.05 -7.73 -10.95
C ARG A 73 -4.86 -6.23 -10.79
N PHE A 74 -3.79 -5.80 -10.10
CA PHE A 74 -3.42 -4.40 -9.97
C PHE A 74 -2.52 -3.89 -11.09
N GLY A 75 -2.32 -4.66 -12.16
CA GLY A 75 -1.64 -4.16 -13.33
C GLY A 75 -0.11 -4.17 -13.20
N ILE A 76 0.43 -5.10 -12.42
CA ILE A 76 1.84 -5.14 -12.06
C ILE A 76 2.43 -6.46 -12.54
N ASP A 77 3.54 -6.36 -13.27
CA ASP A 77 4.21 -7.51 -13.86
C ASP A 77 5.23 -8.02 -12.85
N ASP A 78 5.34 -9.34 -12.71
CA ASP A 78 6.18 -9.91 -11.66
C ASP A 78 7.65 -9.49 -11.81
N GLN A 79 8.15 -9.43 -13.05
CA GLN A 79 9.55 -9.15 -13.31
C GLN A 79 9.86 -7.68 -12.94
N ASP A 80 8.95 -6.76 -13.33
CA ASP A 80 9.01 -5.36 -12.95
C ASP A 80 9.02 -5.21 -11.42
N PHE A 81 8.22 -6.02 -10.72
CA PHE A 81 8.09 -5.98 -9.27
C PHE A 81 9.41 -6.36 -8.63
N GLN A 82 9.93 -7.49 -9.08
CA GLN A 82 11.25 -8.00 -8.70
C GLN A 82 12.31 -6.91 -8.89
N ASN A 83 12.31 -6.29 -10.08
CA ASN A 83 13.32 -5.27 -10.36
C ASN A 83 13.21 -4.13 -9.34
N SER A 84 12.02 -3.56 -9.16
CA SER A 84 11.82 -2.45 -8.23
C SER A 84 12.37 -2.76 -6.83
N LEU A 85 12.30 -4.03 -6.40
CA LEU A 85 12.68 -4.41 -5.05
C LEU A 85 14.12 -4.94 -4.94
N THR A 86 14.78 -5.22 -6.07
CA THR A 86 16.10 -5.86 -6.02
C THR A 86 17.19 -5.07 -6.76
N ARG A 87 16.86 -4.34 -7.84
CA ARG A 87 17.92 -3.68 -8.59
C ARG A 87 18.71 -2.76 -7.66
N SER A 88 18.04 -2.16 -6.68
CA SER A 88 18.71 -1.29 -5.73
C SER A 88 17.95 -1.30 -4.40
N ALA A 89 18.66 -1.06 -3.30
CA ALA A 89 18.13 -1.18 -1.96
C ALA A 89 16.96 -0.23 -1.75
N PRO A 90 15.91 -0.67 -1.04
CA PRO A 90 14.88 0.24 -0.53
C PRO A 90 15.45 1.38 0.31
N LEU A 91 14.80 2.56 0.26
CA LEU A 91 15.27 3.76 0.94
C LEU A 91 14.45 3.95 2.21
N PRO A 92 15.08 4.08 3.40
CA PRO A 92 14.35 4.19 4.66
C PRO A 92 13.66 5.54 4.85
N ASN A 93 12.81 5.61 5.90
CA ASN A 93 12.16 6.85 6.28
C ASN A 93 12.28 7.05 7.80
N ASP A 94 13.23 7.90 8.22
CA ASP A 94 13.58 8.16 9.62
C ASP A 94 13.30 6.94 10.50
N ARG A 102 8.14 4.50 10.71
CA ARG A 102 9.14 4.19 9.68
C ARG A 102 8.57 3.20 8.66
N PHE A 103 9.15 3.23 7.46
CA PHE A 103 8.82 2.39 6.33
C PHE A 103 9.90 2.64 5.28
N HIS A 104 10.07 1.73 4.33
CA HIS A 104 10.95 2.01 3.22
C HIS A 104 10.13 2.25 1.96
N THR A 105 10.80 2.81 0.96
CA THR A 105 10.29 2.94 -0.39
C THR A 105 11.19 2.10 -1.28
N SER A 106 10.61 1.39 -2.24
CA SER A 106 11.37 0.80 -3.33
C SER A 106 12.19 1.92 -3.96
N TYR A 107 13.32 1.57 -4.58
CA TYR A 107 14.27 2.60 -4.99
C TYR A 107 13.69 3.46 -6.11
N ASP A 108 12.67 2.98 -6.82
CA ASP A 108 12.08 3.69 -7.94
C ASP A 108 10.77 4.36 -7.51
N LYS A 109 10.47 4.21 -6.21
CA LYS A 109 9.38 4.84 -5.51
C LYS A 109 8.02 4.26 -5.90
N ARG A 110 7.95 3.05 -6.45
CA ARG A 110 6.65 2.51 -6.81
C ARG A 110 5.96 1.88 -5.61
N TYR A 111 6.72 1.37 -4.64
CA TYR A 111 6.17 0.52 -3.58
C TYR A 111 6.63 0.96 -2.20
N ILE A 112 5.79 0.68 -1.21
CA ILE A 112 6.12 0.89 0.18
C ILE A 112 6.41 -0.48 0.76
N ILE A 113 7.46 -0.60 1.57
CA ILE A 113 7.74 -1.77 2.37
C ILE A 113 7.55 -1.34 3.83
N LYS A 114 6.80 -2.13 4.59
CA LYS A 114 6.38 -1.73 5.92
C LYS A 114 6.45 -2.91 6.89
N THR A 115 7.16 -2.70 7.97
CA THR A 115 7.20 -3.66 9.05
C THR A 115 5.85 -3.69 9.74
N ILE A 116 5.34 -4.90 10.07
CA ILE A 116 4.08 -5.06 10.78
C ILE A 116 4.24 -6.12 11.86
N THR A 117 3.19 -6.29 12.68
CA THR A 117 3.20 -7.23 13.80
C THR A 117 2.67 -8.59 13.35
N SER A 118 2.85 -9.65 14.16
CA SER A 118 2.32 -10.96 13.82
C SER A 118 0.79 -10.90 13.81
N GLU A 119 0.25 -10.13 14.76
CA GLU A 119 -1.16 -9.82 14.83
C GLU A 119 -1.63 -9.26 13.48
N ASP A 120 -0.91 -8.26 12.93
CA ASP A 120 -1.32 -7.69 11.65
C ASP A 120 -1.35 -8.76 10.56
N VAL A 121 -0.32 -9.61 10.56
CA VAL A 121 -0.15 -10.70 9.63
C VAL A 121 -1.33 -11.65 9.70
N ALA A 122 -1.73 -11.98 10.95
CA ALA A 122 -2.87 -12.84 11.22
C ALA A 122 -4.15 -12.20 10.67
N GLU A 123 -4.28 -10.89 10.84
CA GLU A 123 -5.47 -10.23 10.35
C GLU A 123 -5.48 -10.20 8.82
N MET A 124 -4.32 -9.98 8.22
CA MET A 124 -4.26 -9.94 6.77
C MET A 124 -4.78 -11.27 6.26
N HIS A 125 -4.41 -12.35 6.96
CA HIS A 125 -4.83 -13.70 6.62
C HIS A 125 -6.34 -13.87 6.74
N ASN A 126 -6.91 -13.35 7.82
CA ASN A 126 -8.33 -13.51 8.08
C ASN A 126 -9.14 -12.80 7.00
N ILE A 127 -8.60 -11.75 6.37
CA ILE A 127 -9.42 -11.01 5.42
C ILE A 127 -9.03 -11.37 3.99
N LEU A 128 -8.02 -12.21 3.78
CA LEU A 128 -7.40 -12.29 2.46
C LEU A 128 -8.40 -12.82 1.42
N LYS A 129 -9.24 -13.79 1.77
CA LYS A 129 -10.27 -14.27 0.84
C LYS A 129 -11.24 -13.14 0.44
N LYS A 130 -11.83 -12.44 1.43
CA LYS A 130 -12.77 -11.36 1.17
C LYS A 130 -12.09 -10.22 0.42
N TYR A 131 -10.83 -9.95 0.74
CA TYR A 131 -10.06 -8.92 0.08
C TYR A 131 -9.99 -9.28 -1.40
N HIS A 132 -9.55 -10.52 -1.70
CA HIS A 132 -9.43 -11.01 -3.07
C HIS A 132 -10.75 -10.84 -3.82
N GLN A 133 -11.82 -11.34 -3.20
CA GLN A 133 -13.13 -11.31 -3.82
C GLN A 133 -13.51 -9.86 -4.12
N TYR A 134 -13.34 -8.96 -3.16
CA TYR A 134 -13.64 -7.55 -3.34
C TYR A 134 -12.85 -6.97 -4.53
N ILE A 135 -11.60 -7.43 -4.68
CA ILE A 135 -10.75 -6.89 -5.72
C ILE A 135 -11.26 -7.31 -7.10
N VAL A 136 -11.59 -8.58 -7.24
CA VAL A 136 -12.16 -9.13 -8.47
C VAL A 136 -13.38 -8.31 -8.86
N GLU A 137 -14.28 -8.21 -7.89
CA GLU A 137 -15.57 -7.60 -8.09
C GLU A 137 -15.42 -6.19 -8.64
N CYS A 138 -14.42 -5.43 -8.15
CA CYS A 138 -14.22 -4.06 -8.62
C CYS A 138 -13.12 -3.95 -9.69
N HIS A 139 -12.63 -5.08 -10.25
CA HIS A 139 -11.73 -5.03 -11.40
C HIS A 139 -10.44 -4.30 -11.01
N GLY A 140 -10.10 -4.41 -9.72
CA GLY A 140 -8.91 -3.77 -9.22
C GLY A 140 -9.05 -2.25 -9.04
N ILE A 141 -10.19 -1.65 -9.32
CA ILE A 141 -10.29 -0.20 -9.15
C ILE A 141 -10.85 0.08 -7.76
N THR A 142 -9.97 0.55 -6.87
CA THR A 142 -10.33 0.75 -5.49
C THR A 142 -9.31 1.69 -4.89
N LEU A 143 -9.63 2.31 -3.76
CA LEU A 143 -8.72 3.18 -3.02
C LEU A 143 -8.08 2.44 -1.84
N LEU A 144 -8.55 1.23 -1.54
CA LEU A 144 -7.97 0.39 -0.48
C LEU A 144 -6.46 0.24 -0.72
N PRO A 145 -5.63 -0.01 0.32
CA PRO A 145 -4.28 -0.46 0.07
C PRO A 145 -4.30 -1.64 -0.91
N GLN A 146 -3.33 -1.62 -1.83
CA GLN A 146 -2.98 -2.73 -2.71
C GLN A 146 -1.85 -3.55 -2.10
N PHE A 147 -2.22 -4.65 -1.44
CA PHE A 147 -1.28 -5.56 -0.82
C PHE A 147 -0.66 -6.46 -1.90
N LEU A 148 0.67 -6.41 -2.01
CA LEU A 148 1.42 -6.95 -3.12
C LEU A 148 2.28 -8.13 -2.69
N GLY A 149 2.63 -8.20 -1.40
CA GLY A 149 3.37 -9.36 -0.95
C GLY A 149 3.55 -9.30 0.55
N MET A 150 3.79 -10.47 1.17
CA MET A 150 3.88 -10.49 2.62
C MET A 150 4.82 -11.61 3.08
N TYR A 151 5.80 -11.22 3.94
CA TYR A 151 6.96 -12.03 4.26
C TYR A 151 7.32 -11.95 5.74
N ARG A 152 8.00 -13.01 6.21
CA ARG A 152 8.69 -13.03 7.49
C ARG A 152 10.20 -13.22 7.27
N LEU A 153 11.00 -12.35 7.91
CA LEU A 153 12.46 -12.39 7.85
C LEU A 153 13.00 -12.76 9.22
N ASN A 154 14.08 -13.57 9.25
CA ASN A 154 14.93 -13.77 10.41
C ASN A 154 16.41 -13.64 10.04
N VAL A 155 17.13 -12.66 10.60
CA VAL A 155 18.59 -12.60 10.52
C VAL A 155 19.16 -12.38 11.93
N ASP A 156 20.07 -13.28 12.34
CA ASP A 156 20.43 -13.35 13.74
C ASP A 156 19.20 -13.86 14.48
N GLY A 157 19.01 -13.40 15.72
CA GLY A 157 17.79 -13.62 16.47
C GLY A 157 16.79 -12.48 16.30
N VAL A 158 16.75 -11.86 15.11
CA VAL A 158 15.82 -10.77 14.83
C VAL A 158 14.79 -11.27 13.81
N GLU A 159 13.53 -11.45 14.25
CA GLU A 159 12.43 -11.84 13.37
C GLU A 159 11.51 -10.65 13.09
N ILE A 160 11.08 -10.47 11.84
CA ILE A 160 10.21 -9.36 11.50
C ILE A 160 9.27 -9.76 10.37
N TYR A 161 8.11 -9.09 10.34
CA TYR A 161 7.10 -9.28 9.33
C TYR A 161 7.00 -8.04 8.46
N VAL A 162 6.95 -8.22 7.14
CA VAL A 162 6.87 -7.06 6.28
C VAL A 162 5.77 -7.24 5.25
N ILE A 163 5.25 -6.11 4.79
CA ILE A 163 4.26 -6.16 3.73
C ILE A 163 4.56 -5.08 2.72
N VAL A 164 4.16 -5.35 1.47
CA VAL A 164 4.45 -4.43 0.39
C VAL A 164 3.14 -3.96 -0.21
N THR A 165 2.97 -2.62 -0.34
CA THR A 165 1.81 -1.98 -0.94
C THR A 165 2.24 -1.04 -2.06
N ARG A 166 1.31 -0.67 -2.95
CA ARG A 166 1.55 0.35 -3.96
C ARG A 166 1.66 1.71 -3.27
N ASN A 167 2.58 2.53 -3.72
CA ASN A 167 2.73 3.85 -3.13
C ASN A 167 1.50 4.66 -3.52
N VAL A 168 0.94 5.41 -2.57
CA VAL A 168 -0.20 6.24 -2.89
C VAL A 168 0.27 7.37 -3.82
N PHE A 169 1.50 7.84 -3.60
CA PHE A 169 2.04 8.97 -4.32
C PHE A 169 2.70 8.52 -5.62
N SER A 170 2.76 9.49 -6.53
CA SER A 170 3.45 9.36 -7.79
C SER A 170 4.87 8.85 -7.57
N HIS A 171 5.31 7.98 -8.47
CA HIS A 171 6.69 7.54 -8.50
C HIS A 171 7.59 8.62 -9.12
N ARG A 172 7.00 9.72 -9.66
CA ARG A 172 7.71 10.74 -10.45
C ARG A 172 7.38 12.17 -9.98
N LEU A 173 6.11 12.52 -9.80
CA LEU A 173 5.73 13.86 -9.36
C LEU A 173 5.88 13.97 -7.85
N SER A 174 6.55 15.03 -7.41
CA SER A 174 6.83 15.25 -6.02
C SER A 174 5.59 15.81 -5.33
N VAL A 175 5.50 15.49 -4.03
CA VAL A 175 4.38 15.85 -3.20
C VAL A 175 4.88 16.87 -2.19
N TYR A 176 4.45 18.13 -2.34
CA TYR A 176 4.92 19.20 -1.47
C TYR A 176 4.04 19.30 -0.23
N ARG A 177 2.89 18.61 -0.18
CA ARG A 177 2.04 18.73 0.99
C ARG A 177 1.19 17.49 1.19
N LYS A 178 1.18 16.98 2.42
CA LYS A 178 0.60 15.68 2.71
C LYS A 178 -0.30 15.69 3.94
N TYR A 179 -1.48 15.06 3.82
CA TYR A 179 -2.35 14.86 4.97
C TYR A 179 -2.69 13.40 5.15
N ASP A 180 -3.10 13.09 6.39
CA ASP A 180 -3.54 11.78 6.80
C ASP A 180 -4.82 12.02 7.58
N LEU A 181 -5.96 11.67 7.00
CA LEU A 181 -7.24 12.14 7.50
C LEU A 181 -8.06 10.97 8.03
N LYS A 182 -8.61 11.16 9.26
CA LYS A 182 -9.41 10.17 9.96
C LYS A 182 -10.87 10.61 10.20
N GLY A 183 -11.14 11.91 10.28
CA GLY A 183 -12.44 12.40 10.71
C GLY A 183 -12.69 12.20 12.22
N SER A 184 -11.75 12.63 13.06
CA SER A 184 -12.01 12.76 14.49
C SER A 184 -10.90 13.62 15.12
N LYS A 197 4.79 5.94 16.13
CA LYS A 197 3.33 6.26 16.22
C LYS A 197 2.77 6.45 14.81
N GLU A 198 2.93 7.68 14.25
CA GLU A 198 2.20 8.15 13.08
C GLU A 198 3.15 8.76 12.03
N LEU A 199 2.69 8.81 10.77
CA LEU A 199 3.49 9.22 9.63
C LEU A 199 3.83 10.70 9.65
N PRO A 200 4.84 11.14 8.88
CA PRO A 200 5.16 12.56 8.75
C PRO A 200 4.16 13.30 7.87
N THR A 201 2.93 13.47 8.38
CA THR A 201 1.90 14.16 7.61
C THR A 201 1.18 15.18 8.50
N LEU A 202 0.44 16.08 7.84
CA LEU A 202 -0.52 16.96 8.48
C LEU A 202 -1.81 16.19 8.73
N LYS A 203 -2.64 16.73 9.63
CA LYS A 203 -3.70 15.99 10.26
C LYS A 203 -5.02 16.70 10.00
N ASP A 204 -6.12 16.07 10.42
CA ASP A 204 -7.45 16.65 10.35
C ASP A 204 -7.41 18.15 10.69
N ASN A 205 -6.95 18.50 11.90
CA ASN A 205 -7.09 19.87 12.37
C ASN A 205 -6.37 20.85 11.46
N ASP A 206 -5.26 20.39 10.87
CA ASP A 206 -4.40 21.22 10.04
C ASP A 206 -5.09 21.48 8.70
N PHE A 207 -5.72 20.44 8.18
CA PHE A 207 -6.48 20.54 6.94
C PHE A 207 -7.54 21.64 7.12
N ILE A 208 -8.24 21.56 8.27
CA ILE A 208 -9.27 22.53 8.59
C ILE A 208 -8.63 23.91 8.75
N ASN A 209 -7.67 24.10 9.66
CA ASN A 209 -7.17 25.43 9.97
C ASN A 209 -6.60 26.08 8.70
N GLU A 210 -5.84 25.33 7.91
CA GLU A 210 -5.23 25.81 6.68
C GLU A 210 -6.28 26.23 5.65
N GLY A 211 -7.52 25.74 5.75
CA GLY A 211 -8.54 26.08 4.76
C GLY A 211 -8.37 25.26 3.48
N GLN A 212 -7.73 24.10 3.59
CA GLN A 212 -7.28 23.34 2.44
C GLN A 212 -8.49 22.97 1.58
N LYS A 213 -8.42 23.32 0.28
CA LYS A 213 -9.41 22.87 -0.71
C LYS A 213 -8.78 21.85 -1.66
N ILE A 214 -9.60 20.99 -2.27
CA ILE A 214 -9.18 20.11 -3.36
C ILE A 214 -10.02 20.39 -4.61
N TYR A 215 -9.42 21.02 -5.63
CA TYR A 215 -10.12 21.54 -6.80
C TYR A 215 -10.21 20.50 -7.89
N ILE A 216 -11.14 19.56 -7.72
CA ILE A 216 -11.42 18.54 -8.72
C ILE A 216 -12.87 18.73 -9.14
N ASP A 217 -13.22 18.26 -10.35
CA ASP A 217 -14.53 18.48 -10.94
C ASP A 217 -15.55 17.47 -10.40
N ASP A 218 -16.83 17.80 -10.64
CA ASP A 218 -17.95 17.06 -10.08
C ASP A 218 -17.86 15.61 -10.51
N ASN A 219 -17.46 15.37 -11.77
CA ASN A 219 -17.36 14.01 -12.28
C ASN A 219 -16.30 13.21 -11.49
N ASN A 220 -15.18 13.87 -11.17
CA ASN A 220 -14.09 13.21 -10.47
C ASN A 220 -14.41 13.03 -8.99
N LYS A 221 -15.10 14.00 -8.38
CA LYS A 221 -15.57 13.80 -7.02
C LYS A 221 -16.51 12.61 -6.94
N LYS A 222 -17.35 12.50 -7.96
CA LYS A 222 -18.39 11.48 -7.95
C LYS A 222 -17.72 10.10 -8.08
N VAL A 223 -16.78 9.97 -9.01
CA VAL A 223 -16.11 8.69 -9.19
C VAL A 223 -15.34 8.30 -7.92
N PHE A 224 -14.61 9.27 -7.35
CA PHE A 224 -13.82 9.07 -6.15
C PHE A 224 -14.70 8.66 -4.96
N LEU A 225 -15.74 9.45 -4.64
CA LEU A 225 -16.58 9.16 -3.48
C LEU A 225 -17.32 7.82 -3.58
N GLU A 226 -17.77 7.45 -4.78
N GLU A 226 -17.82 7.49 -4.77
CA GLU A 226 -18.52 6.21 -4.94
CA GLU A 226 -18.49 6.22 -4.97
C GLU A 226 -17.57 5.02 -4.76
C GLU A 226 -17.53 5.08 -4.60
N LYS A 227 -16.27 5.21 -5.02
CA LYS A 227 -15.27 4.23 -4.67
C LYS A 227 -15.11 4.18 -3.15
N LEU A 228 -14.91 5.36 -2.57
CA LEU A 228 -14.70 5.46 -1.15
C LEU A 228 -15.81 4.77 -0.38
N LYS A 229 -17.07 5.04 -0.78
CA LYS A 229 -18.22 4.54 -0.04
C LYS A 229 -18.25 3.02 -0.03
N LYS A 230 -18.03 2.40 -1.19
CA LYS A 230 -17.99 0.95 -1.26
C LYS A 230 -16.80 0.38 -0.47
N ASP A 231 -15.63 1.03 -0.61
CA ASP A 231 -14.41 0.54 0.00
C ASP A 231 -14.54 0.54 1.51
N VAL A 232 -15.05 1.68 2.02
CA VAL A 232 -15.20 1.87 3.44
C VAL A 232 -16.23 0.91 4.00
N GLU A 233 -17.28 0.65 3.21
CA GLU A 233 -18.32 -0.24 3.67
C GLU A 233 -17.73 -1.63 3.86
N PHE A 234 -16.85 -2.02 2.91
CA PHE A 234 -16.14 -3.27 2.99
C PHE A 234 -15.38 -3.33 4.32
N LEU A 235 -14.75 -2.21 4.69
CA LEU A 235 -13.92 -2.15 5.88
C LEU A 235 -14.79 -2.37 7.12
N ALA A 236 -15.90 -1.61 7.22
CA ALA A 236 -16.82 -1.75 8.33
C ALA A 236 -17.32 -3.19 8.45
N GLN A 237 -17.62 -3.83 7.31
CA GLN A 237 -18.14 -5.19 7.35
C GLN A 237 -17.12 -6.10 8.00
N LEU A 238 -15.84 -5.79 7.85
CA LEU A 238 -14.78 -6.62 8.39
C LEU A 238 -14.41 -6.23 9.82
N LYS A 239 -15.05 -5.20 10.36
CA LYS A 239 -14.77 -4.74 11.70
C LYS A 239 -13.34 -4.23 11.76
N LEU A 240 -12.94 -3.49 10.73
CA LEU A 240 -11.63 -2.88 10.70
C LEU A 240 -11.81 -1.40 11.03
N MET A 241 -10.73 -0.76 11.44
CA MET A 241 -10.79 0.55 12.03
C MET A 241 -9.47 1.29 11.82
N ASP A 242 -9.50 2.58 12.19
CA ASP A 242 -8.30 3.36 12.42
C ASP A 242 -7.55 3.58 11.10
N TYR A 243 -8.25 3.42 9.97
CA TYR A 243 -7.68 3.69 8.67
C TYR A 243 -7.78 5.19 8.39
N SER A 244 -7.13 5.64 7.34
CA SER A 244 -7.20 7.04 7.04
C SER A 244 -6.99 7.22 5.56
N LEU A 245 -7.30 8.46 5.14
CA LEU A 245 -7.16 8.84 3.75
C LEU A 245 -5.92 9.68 3.68
N LEU A 246 -4.95 9.12 2.97
CA LEU A 246 -3.69 9.78 2.72
C LEU A 246 -3.87 10.68 1.50
N VAL A 247 -3.49 11.93 1.64
CA VAL A 247 -3.76 12.95 0.65
C VAL A 247 -2.47 13.70 0.38
N GLY A 248 -2.02 13.67 -0.86
CA GLY A 248 -0.79 14.32 -1.26
C GLY A 248 -1.05 15.25 -2.43
N ILE A 249 -0.44 16.42 -2.35
CA ILE A 249 -0.65 17.50 -3.31
C ILE A 249 0.69 17.72 -4.00
N HIS A 250 0.69 17.55 -5.32
CA HIS A 250 1.77 18.00 -6.18
C HIS A 250 1.47 19.42 -6.65
N ASP A 251 2.46 20.31 -6.56
CA ASP A 251 2.27 21.67 -7.06
C ASP A 251 3.10 21.83 -8.32
N VAL A 252 2.46 22.26 -9.40
CA VAL A 252 3.04 22.23 -10.74
C VAL A 252 3.90 23.48 -10.96
N GLU A 253 3.41 24.68 -10.57
CA GLU A 253 4.15 25.91 -10.77
C GLU A 253 5.41 25.91 -9.90
N ARG A 254 5.34 25.28 -8.71
CA ARG A 254 6.51 25.10 -7.86
C ARG A 254 7.53 24.20 -8.54
N ALA A 255 7.06 23.11 -9.16
CA ALA A 255 7.94 22.17 -9.86
C ALA A 255 8.66 22.87 -11.02
N GLU A 256 8.25 24.11 -11.36
CA GLU A 256 9.03 24.99 -12.19
C GLU A 256 9.78 26.00 -11.32
N GLN A 257 10.73 25.51 -10.52
CA GLN A 257 11.59 26.37 -9.72
C GLN A 257 12.50 25.50 -8.85
N LEU A 296 6.92 12.67 -20.15
CA LEU A 296 5.60 13.28 -19.87
C LEU A 296 5.81 14.76 -19.50
N ALA A 297 5.09 15.64 -20.21
CA ALA A 297 5.20 17.09 -20.07
C ALA A 297 4.62 17.54 -18.72
N PRO A 298 4.77 18.83 -18.31
CA PRO A 298 4.50 19.23 -16.93
C PRO A 298 3.03 19.07 -16.52
N GLY A 299 2.82 18.46 -15.34
CA GLY A 299 1.49 18.19 -14.81
C GLY A 299 0.99 16.79 -15.13
N GLU A 300 1.70 16.07 -16.01
CA GLU A 300 1.26 14.77 -16.50
C GLU A 300 1.68 13.66 -15.54
N PHE A 301 0.80 12.66 -15.39
CA PHE A 301 1.16 11.41 -14.76
C PHE A 301 0.57 10.27 -15.57
N ASP A 302 1.28 9.14 -15.63
CA ASP A 302 0.70 7.92 -16.16
C ASP A 302 -0.30 7.40 -15.13
N PRO A 303 -1.61 7.40 -15.49
CA PRO A 303 -2.67 6.86 -14.62
C PRO A 303 -2.49 5.38 -14.38
N ASN A 304 -1.93 4.68 -15.36
CA ASN A 304 -1.75 3.24 -15.26
C ASN A 304 -0.72 2.89 -14.19
N ILE A 305 0.18 3.84 -13.87
CA ILE A 305 1.17 3.65 -12.83
C ILE A 305 0.78 4.41 -11.56
N ASP A 306 0.54 5.73 -11.74
CA ASP A 306 0.17 6.59 -10.64
C ASP A 306 -1.35 6.54 -10.56
N VAL A 307 -1.83 5.41 -10.01
CA VAL A 307 -3.21 5.00 -10.10
C VAL A 307 -4.12 5.86 -9.24
N TYR A 308 -3.63 6.64 -8.26
CA TYR A 308 -4.49 7.44 -7.38
C TYR A 308 -4.49 8.94 -7.74
N GLY A 309 -3.82 9.30 -8.83
CA GLY A 309 -3.68 10.69 -9.20
C GLY A 309 -4.94 11.23 -9.85
N ILE A 310 -5.35 12.44 -9.47
CA ILE A 310 -6.47 13.14 -10.10
C ILE A 310 -6.09 14.59 -10.37
N LYS A 311 -6.25 15.01 -11.62
CA LYS A 311 -5.94 16.38 -12.00
C LYS A 311 -6.93 17.36 -11.36
N CYS A 312 -6.45 18.53 -10.97
CA CYS A 312 -7.33 19.65 -10.65
C CYS A 312 -8.15 20.02 -11.89
N HIS A 313 -9.26 20.75 -11.66
CA HIS A 313 -10.12 21.20 -12.74
C HIS A 313 -9.56 22.47 -13.39
N GLU A 314 -10.22 22.92 -14.47
CA GLU A 314 -9.78 24.03 -15.31
C GLU A 314 -9.68 25.36 -14.56
N ASN A 315 -10.36 25.46 -13.42
CA ASN A 315 -10.47 26.75 -12.75
C ASN A 315 -9.82 26.68 -11.38
N SER A 316 -9.10 25.60 -11.10
CA SER A 316 -8.33 25.58 -9.86
C SER A 316 -7.44 26.83 -9.78
N PRO A 317 -7.43 27.51 -8.61
CA PRO A 317 -6.54 28.66 -8.38
C PRO A 317 -5.06 28.33 -8.53
N ARG A 318 -4.67 27.07 -8.33
CA ARG A 318 -3.28 26.65 -8.48
C ARG A 318 -3.25 25.32 -9.23
N LYS A 319 -2.27 25.15 -10.11
CA LYS A 319 -2.10 23.93 -10.90
C LYS A 319 -1.62 22.81 -9.98
N GLU A 320 -2.56 22.03 -9.45
CA GLU A 320 -2.25 20.98 -8.49
C GLU A 320 -2.58 19.64 -9.14
N VAL A 321 -1.97 18.57 -8.64
CA VAL A 321 -2.41 17.21 -8.94
C VAL A 321 -2.44 16.46 -7.62
N TYR A 322 -3.48 15.66 -7.42
CA TYR A 322 -3.80 15.14 -6.10
C TYR A 322 -3.65 13.61 -6.07
N PHE A 323 -3.19 13.08 -4.92
CA PHE A 323 -3.00 11.66 -4.74
C PHE A 323 -3.68 11.28 -3.42
N MET A 324 -4.80 10.58 -3.53
CA MET A 324 -5.58 10.25 -2.35
C MET A 324 -5.92 8.78 -2.36
N ALA A 325 -5.75 8.11 -1.23
CA ALA A 325 -6.23 6.74 -1.08
C ALA A 325 -6.23 6.35 0.38
N ILE A 326 -6.77 5.16 0.63
CA ILE A 326 -6.94 4.68 2.00
C ILE A 326 -5.69 3.96 2.41
N ILE A 327 -5.25 4.18 3.65
CA ILE A 327 -4.12 3.44 4.18
C ILE A 327 -4.42 2.91 5.59
N ASP A 328 -3.74 1.82 5.93
CA ASP A 328 -3.51 1.41 7.31
C ASP A 328 -4.83 0.88 7.86
N ILE A 329 -5.22 -0.27 7.36
CA ILE A 329 -6.55 -0.79 7.58
C ILE A 329 -6.56 -2.02 8.49
N LEU A 330 -5.40 -2.54 8.91
CA LEU A 330 -5.36 -3.88 9.45
C LEU A 330 -5.72 -3.96 10.94
N THR A 331 -6.17 -2.87 11.57
CA THR A 331 -6.68 -2.93 12.94
C THR A 331 -8.13 -3.44 13.02
N HIS A 332 -8.29 -4.63 13.61
CA HIS A 332 -9.60 -5.21 13.87
C HIS A 332 -10.13 -4.69 15.20
N TYR A 333 -11.44 -4.50 15.27
CA TYR A 333 -12.10 -3.95 16.43
C TYR A 333 -11.76 -4.73 17.69
N ASP A 334 -11.77 -6.07 17.61
CA ASP A 334 -11.64 -6.95 18.76
C ASP A 334 -10.23 -6.87 19.31
N ALA A 335 -9.26 -6.65 18.39
CA ALA A 335 -7.86 -6.55 18.73
C ALA A 335 -7.68 -5.50 19.84
N LYS A 336 -8.51 -4.47 19.83
CA LYS A 336 -8.64 -3.57 20.99
C LYS A 336 -9.46 -4.24 22.09
N LYS A 337 -8.84 -5.22 22.77
CA LYS A 337 -9.42 -5.93 23.91
C LYS A 337 -8.66 -5.50 25.16
N THR A 356 -15.23 3.77 23.65
CA THR A 356 -14.42 4.01 22.42
C THR A 356 -15.35 4.08 21.21
N VAL A 357 -14.90 3.55 20.06
CA VAL A 357 -15.57 3.72 18.77
C VAL A 357 -15.70 2.35 18.12
N ASN A 358 -16.88 1.99 17.64
CA ASN A 358 -17.00 0.75 16.89
C ASN A 358 -16.73 1.02 15.41
N PRO A 359 -16.51 -0.03 14.60
CA PRO A 359 -16.27 0.11 13.16
C PRO A 359 -17.31 0.91 12.38
N GLU A 360 -18.58 0.81 12.81
CA GLU A 360 -19.69 1.46 12.15
C GLU A 360 -19.58 2.97 12.35
N GLN A 361 -19.38 3.38 13.61
CA GLN A 361 -19.23 4.77 13.97
C GLN A 361 -17.99 5.35 13.32
N TYR A 362 -16.94 4.53 13.23
CA TYR A 362 -15.69 4.97 12.64
C TYR A 362 -15.91 5.30 11.16
N SER A 363 -16.61 4.43 10.43
CA SER A 363 -16.77 4.60 8.99
C SER A 363 -17.67 5.79 8.75
N LYS A 364 -18.68 5.92 9.61
CA LYS A 364 -19.68 6.96 9.52
C LYS A 364 -19.01 8.31 9.73
N ARG A 365 -18.15 8.41 10.74
CA ARG A 365 -17.40 9.64 10.93
C ARG A 365 -16.45 9.86 9.75
N PHE A 366 -15.87 8.76 9.26
CA PHE A 366 -14.81 8.85 8.27
C PHE A 366 -15.38 9.40 6.95
N LEU A 367 -16.44 8.75 6.45
CA LEU A 367 -17.06 9.13 5.19
C LEU A 367 -17.69 10.53 5.27
N ASP A 368 -18.18 10.90 6.45
CA ASP A 368 -18.80 12.20 6.63
C ASP A 368 -17.73 13.28 6.50
N PHE A 369 -16.55 13.03 7.04
CA PHE A 369 -15.47 14.01 6.96
C PHE A 369 -14.97 14.15 5.53
N ILE A 370 -14.86 13.05 4.79
CA ILE A 370 -14.30 13.08 3.46
C ILE A 370 -15.28 13.75 2.50
N GLY A 371 -16.54 13.33 2.58
CA GLY A 371 -17.63 13.94 1.84
C GLY A 371 -17.72 15.45 2.08
N HIS A 372 -17.33 15.82 3.30
CA HIS A 372 -17.34 17.19 3.77
C HIS A 372 -16.22 18.02 3.17
N ILE A 373 -14.98 17.52 3.23
CA ILE A 373 -13.83 18.29 2.76
C ILE A 373 -13.83 18.33 1.22
N LEU A 374 -14.64 17.50 0.57
CA LEU A 374 -14.81 17.56 -0.87
C LEU A 374 -16.14 18.20 -1.29
N THR A 375 -16.87 18.86 -0.37
CA THR A 375 -18.09 19.57 -0.75
C THR A 375 -17.72 20.78 -1.62
#